data_8RPE
#
_entry.id   8RPE
#
_cell.length_a   38.813
_cell.length_b   53.544
_cell.length_c   99.070
_cell.angle_alpha   90.000
_cell.angle_beta   90.000
_cell.angle_gamma   90.000
#
_symmetry.space_group_name_H-M   'P 21 21 21'
#
loop_
_entity.id
_entity.type
_entity.pdbx_description
1 polymer VH1
2 polymer SMA
3 non-polymer 1,2-ETHANEDIOL
4 water water
#
loop_
_entity_poly.entity_id
_entity_poly.type
_entity_poly.pdbx_seq_one_letter_code
_entity_poly.pdbx_strand_id
1 'polypeptide(L)'
;HHHHHHENLYFQGAEVQLVESGGGLVLPGGSLKLSCAASGFNFGSSDMNWVRQAAGKGPEWVASIERGAGGTDYADSVQG
RFTVSRDNAKSTLWLQMNSLKAEDTAVYYCVVSDNSGYYKYWGQGTQVTVSS
;
B
2 'polypeptide(L)'
;DIVMTQSPDSLAVSLGERATINCKSSQSVLYSSNNRNYLAWYQQKLGQPPKLLIYWASTRESGVPDRFSGSGSGTDFTLT
ISSLQAEDVAVYYCHQYYSHPQTFGQGTKLELKR
;
E
#
loop_
_chem_comp.id
_chem_comp.type
_chem_comp.name
_chem_comp.formula
EDO non-polymer 1,2-ETHANEDIOL 'C2 H6 O2'
#
# COMPACT_ATOMS: atom_id res chain seq x y z
N GLU A 15 0.87 0.39 -18.44
CA GLU A 15 2.13 0.93 -19.03
C GLU A 15 3.09 1.46 -17.96
N VAL A 16 2.61 1.65 -16.72
CA VAL A 16 3.48 2.12 -15.65
C VAL A 16 4.44 1.02 -15.21
N GLN A 17 5.76 1.31 -15.21
CA GLN A 17 6.78 0.40 -14.74
C GLN A 17 7.58 1.03 -13.62
N LEU A 18 7.68 0.29 -12.54
CA LEU A 18 8.42 0.71 -11.35
C LEU A 18 9.32 -0.45 -11.00
N VAL A 19 10.62 -0.27 -11.11
CA VAL A 19 11.56 -1.38 -10.93
C VAL A 19 12.53 -1.03 -9.82
N GLU A 20 12.36 -1.69 -8.67
CA GLU A 20 13.24 -1.49 -7.54
C GLU A 20 14.49 -2.34 -7.67
N SER A 21 15.59 -1.84 -7.14
CA SER A 21 16.81 -2.61 -7.00
CA SER A 21 16.90 -2.46 -7.13
C SER A 21 17.57 -2.15 -5.78
N GLY A 22 18.53 -2.98 -5.40
CA GLY A 22 19.45 -2.64 -4.36
C GLY A 22 19.27 -3.42 -3.06
N GLY A 23 18.20 -4.20 -2.94
CA GLY A 23 18.01 -5.00 -1.73
C GLY A 23 19.15 -5.98 -1.54
N GLY A 24 19.45 -6.30 -0.32
CA GLY A 24 20.49 -7.26 0.01
C GLY A 24 20.58 -7.42 1.52
N LEU A 25 21.62 -8.18 1.92
CA LEU A 25 21.96 -8.41 3.31
C LEU A 25 22.73 -7.23 3.87
N VAL A 26 22.40 -6.82 5.07
CA VAL A 26 23.05 -5.74 5.78
C VAL A 26 23.29 -6.23 7.22
N LEU A 27 24.47 -5.98 7.79
CA LEU A 27 24.65 -6.14 9.25
C LEU A 27 23.90 -5.09 10.04
N PRO A 28 23.42 -5.37 11.29
CA PRO A 28 22.83 -4.33 12.12
C PRO A 28 23.81 -3.18 12.25
N GLY A 29 23.26 -2.00 12.16
CA GLY A 29 24.00 -0.77 12.18
C GLY A 29 24.43 -0.32 10.81
N GLY A 30 24.31 -1.19 9.79
CA GLY A 30 24.81 -0.88 8.47
C GLY A 30 23.86 0.00 7.67
N SER A 31 24.23 0.20 6.40
CA SER A 31 23.54 1.07 5.47
C SER A 31 23.27 0.34 4.17
N LEU A 32 22.24 0.78 3.46
CA LEU A 32 21.92 0.26 2.14
C LEU A 32 21.13 1.32 1.38
N LYS A 33 21.35 1.45 0.08
CA LYS A 33 20.61 2.38 -0.76
CA LYS A 33 20.59 2.39 -0.74
C LYS A 33 19.78 1.60 -1.75
N LEU A 34 18.48 1.86 -1.78
CA LEU A 34 17.55 1.32 -2.77
C LEU A 34 17.29 2.33 -3.87
N SER A 35 17.03 1.80 -5.08
CA SER A 35 16.67 2.58 -6.25
CA SER A 35 16.61 2.66 -6.17
C SER A 35 15.35 2.11 -6.80
N CYS A 36 14.67 3.02 -7.48
CA CYS A 36 13.43 2.69 -8.18
C CYS A 36 13.48 3.43 -9.52
N ALA A 37 13.54 2.68 -10.59
CA ALA A 37 13.52 3.20 -11.95
C ALA A 37 12.08 3.25 -12.43
N ALA A 38 11.61 4.42 -12.82
CA ALA A 38 10.21 4.62 -13.20
C ALA A 38 10.12 4.90 -14.69
N SER A 39 9.09 4.35 -15.36
CA SER A 39 8.87 4.69 -16.75
CA SER A 39 8.87 4.60 -16.76
C SER A 39 7.38 4.51 -17.05
N GLY A 40 6.97 5.09 -18.17
CA GLY A 40 5.62 4.95 -18.69
C GLY A 40 4.63 5.97 -18.17
N PHE A 41 5.11 6.99 -17.47
CA PHE A 41 4.24 8.03 -16.93
C PHE A 41 5.13 9.22 -16.67
N ASN A 42 4.51 10.36 -16.32
CA ASN A 42 5.24 11.57 -16.02
C ASN A 42 5.73 11.48 -14.58
N PHE A 43 6.97 10.99 -14.38
CA PHE A 43 7.52 10.83 -13.05
C PHE A 43 7.61 12.15 -12.29
N GLY A 44 8.11 13.19 -12.93
CA GLY A 44 8.32 14.44 -12.26
C GLY A 44 7.05 15.05 -11.68
N SER A 45 5.90 14.81 -12.30
CA SER A 45 4.69 15.34 -11.73
CA SER A 45 4.63 15.30 -11.82
C SER A 45 3.96 14.40 -10.79
N SER A 46 4.65 13.34 -10.34
CA SER A 46 4.06 12.34 -9.47
C SER A 46 4.67 12.40 -8.08
N ASP A 47 3.80 12.33 -7.07
CA ASP A 47 4.21 12.05 -5.70
C ASP A 47 4.61 10.58 -5.61
N MET A 48 5.72 10.33 -4.91
CA MET A 48 6.30 9.00 -4.79
C MET A 48 6.49 8.61 -3.34
N ASN A 49 6.56 7.30 -3.09
CA ASN A 49 6.60 6.79 -1.73
CA ASN A 49 6.63 6.78 -1.76
C ASN A 49 7.44 5.50 -1.72
N TRP A 50 7.98 5.21 -0.55
CA TRP A 50 8.49 3.89 -0.20
C TRP A 50 7.54 3.29 0.83
N VAL A 51 7.16 2.04 0.60
CA VAL A 51 6.26 1.29 1.49
C VAL A 51 6.90 -0.06 1.67
N ARG A 52 6.98 -0.58 2.88
CA ARG A 52 7.61 -1.86 3.10
C ARG A 52 6.62 -2.88 3.65
N GLN A 53 6.97 -4.16 3.53
CA GLN A 53 6.07 -5.22 4.01
C GLN A 53 6.92 -6.38 4.48
N ALA A 54 6.89 -6.64 5.79
CA ALA A 54 7.56 -7.77 6.38
C ALA A 54 6.70 -9.02 6.16
N ALA A 55 7.34 -10.18 6.10
CA ALA A 55 6.61 -11.42 5.78
C ALA A 55 5.49 -11.66 6.78
N GLY A 56 4.30 -11.93 6.26
CA GLY A 56 3.11 -12.15 7.06
C GLY A 56 2.47 -10.90 7.66
N LYS A 57 2.94 -9.71 7.34
CA LYS A 57 2.40 -8.49 7.94
C LYS A 57 1.83 -7.61 6.83
N GLY A 58 1.09 -6.60 7.25
CA GLY A 58 0.55 -5.64 6.30
C GLY A 58 1.60 -4.62 5.89
N PRO A 59 1.35 -3.91 4.78
CA PRO A 59 2.26 -2.84 4.36
C PRO A 59 2.39 -1.78 5.45
N GLU A 60 3.55 -1.12 5.44
CA GLU A 60 3.89 -0.04 6.36
CA GLU A 60 3.85 -0.03 6.33
C GLU A 60 4.52 1.08 5.52
N TRP A 61 3.90 2.25 5.54
CA TRP A 61 4.47 3.41 4.87
C TRP A 61 5.79 3.82 5.52
N VAL A 62 6.80 4.10 4.71
CA VAL A 62 8.13 4.48 5.14
C VAL A 62 8.43 5.95 4.89
N ALA A 63 8.24 6.42 3.65
CA ALA A 63 8.68 7.76 3.29
C ALA A 63 7.88 8.23 2.08
N SER A 64 7.69 9.55 1.99
CA SER A 64 7.04 10.22 0.88
CA SER A 64 7.11 10.12 0.79
C SER A 64 7.96 11.30 0.33
N ILE A 65 7.83 11.59 -0.96
CA ILE A 65 8.47 12.74 -1.56
C ILE A 65 7.53 13.31 -2.62
N GLU A 66 7.24 14.60 -2.50
CA GLU A 66 6.30 15.26 -3.35
CA GLU A 66 6.27 15.23 -3.36
C GLU A 66 6.86 15.40 -4.77
N ARG A 67 5.94 15.47 -5.74
CA ARG A 67 6.20 15.78 -7.12
C ARG A 67 7.06 17.04 -7.21
N GLY A 68 7.67 17.21 -8.39
CA GLY A 68 8.38 18.44 -8.73
C GLY A 68 9.62 18.58 -7.87
N ALA A 69 9.60 19.57 -6.97
N ALA A 69 9.66 19.67 -7.15
CA ALA A 69 10.68 19.89 -6.03
CA ALA A 69 10.86 20.02 -6.43
C ALA A 69 10.19 20.04 -4.58
C ALA A 69 10.94 19.20 -5.15
N GLY A 70 9.14 19.30 -4.21
N GLY A 70 10.00 18.26 -4.90
CA GLY A 70 8.49 19.48 -2.92
CA GLY A 70 10.15 17.38 -3.75
C GLY A 70 9.17 18.72 -1.80
C GLY A 70 9.54 17.97 -2.48
N GLY A 71 8.42 18.60 -0.72
N GLY A 71 10.13 17.65 -1.36
CA GLY A 71 8.97 18.14 0.53
CA GLY A 71 9.52 17.86 -0.04
C GLY A 71 8.96 16.62 0.68
C GLY A 71 9.11 16.51 0.55
N THR A 72 9.65 16.17 1.73
CA THR A 72 9.66 14.78 2.19
C THR A 72 8.93 14.63 3.51
N ASP A 73 8.54 13.38 3.78
CA ASP A 73 8.00 13.03 5.07
C ASP A 73 8.39 11.58 5.35
N TYR A 74 8.42 11.20 6.62
CA TYR A 74 8.92 9.91 7.06
C TYR A 74 8.07 9.33 8.18
N ALA A 75 7.95 8.02 8.21
CA ALA A 75 7.43 7.37 9.39
C ALA A 75 8.34 7.68 10.57
N ASP A 76 7.74 7.83 11.75
CA ASP A 76 8.50 8.22 12.92
C ASP A 76 9.62 7.28 13.17
N SER A 77 9.40 5.99 12.98
CA SER A 77 10.42 5.05 13.34
C SER A 77 11.59 4.96 12.36
N VAL A 78 11.55 5.70 11.23
CA VAL A 78 12.68 5.75 10.32
C VAL A 78 13.27 7.15 10.23
N GLN A 79 12.59 8.15 10.79
CA GLN A 79 13.07 9.52 10.68
CA GLN A 79 13.06 9.52 10.72
C GLN A 79 14.46 9.63 11.30
N GLY A 80 15.35 10.32 10.61
CA GLY A 80 16.72 10.51 11.05
C GLY A 80 17.64 9.36 10.65
N ARG A 81 17.09 8.27 10.18
CA ARG A 81 17.86 7.12 9.71
C ARG A 81 17.79 6.98 8.20
N PHE A 82 16.62 7.26 7.64
CA PHE A 82 16.38 7.04 6.21
C PHE A 82 16.20 8.39 5.52
N THR A 83 16.59 8.45 4.23
CA THR A 83 16.42 9.65 3.40
C THR A 83 15.86 9.23 2.06
N VAL A 84 14.76 9.82 1.65
CA VAL A 84 14.19 9.62 0.32
C VAL A 84 14.64 10.81 -0.55
N SER A 85 14.96 10.51 -1.80
CA SER A 85 15.38 11.54 -2.76
C SER A 85 14.90 11.12 -4.13
N ARG A 86 14.92 12.08 -5.07
CA ARG A 86 14.48 11.81 -6.43
C ARG A 86 15.31 12.66 -7.39
N ASP A 87 15.35 12.19 -8.63
CA ASP A 87 15.94 12.96 -9.73
C ASP A 87 14.98 12.82 -10.91
N ASN A 88 14.25 13.89 -11.21
CA ASN A 88 13.17 13.80 -12.20
C ASN A 88 13.73 13.55 -13.60
N ALA A 89 14.90 14.11 -13.92
CA ALA A 89 15.47 13.85 -15.23
C ALA A 89 15.86 12.41 -15.41
N LYS A 90 16.28 11.76 -14.32
CA LYS A 90 16.62 10.36 -14.33
C LYS A 90 15.44 9.44 -14.09
N SER A 91 14.26 10.02 -13.85
CA SER A 91 13.05 9.25 -13.51
CA SER A 91 13.10 9.20 -13.58
C SER A 91 13.37 8.16 -12.49
N THR A 92 14.11 8.55 -11.43
CA THR A 92 14.57 7.63 -10.39
C THR A 92 14.26 8.20 -9.02
N LEU A 93 13.82 7.26 -8.15
CA LEU A 93 13.59 7.47 -6.72
C LEU A 93 14.62 6.67 -5.94
N TRP A 94 15.13 7.22 -4.84
CA TRP A 94 16.07 6.49 -4.00
C TRP A 94 15.60 6.47 -2.55
N LEU A 95 16.08 5.46 -1.81
CA LEU A 95 15.93 5.41 -0.37
C LEU A 95 17.30 5.05 0.21
N GLN A 96 17.94 5.99 0.90
CA GLN A 96 19.16 5.70 1.62
C GLN A 96 18.77 5.32 3.05
N MET A 97 19.15 4.11 3.46
CA MET A 97 18.83 3.62 4.79
C MET A 97 20.12 3.50 5.56
N ASN A 98 20.18 4.14 6.73
CA ASN A 98 21.30 4.06 7.65
C ASN A 98 20.81 3.49 9.00
N SER A 99 21.78 3.10 9.83
CA SER A 99 21.50 2.60 11.15
C SER A 99 20.42 1.51 11.12
N LEU A 100 20.58 0.56 10.20
CA LEU A 100 19.58 -0.48 10.00
C LEU A 100 19.54 -1.41 11.19
N LYS A 101 18.34 -1.93 11.43
CA LYS A 101 18.17 -2.92 12.47
CA LYS A 101 17.97 -2.80 12.53
C LYS A 101 17.31 -4.05 11.96
N ALA A 102 17.33 -5.15 12.71
CA ALA A 102 16.60 -6.36 12.33
C ALA A 102 15.16 -6.07 11.93
N GLU A 103 14.52 -5.17 12.66
CA GLU A 103 13.11 -4.84 12.43
C GLU A 103 12.86 -4.12 11.11
N ASP A 104 13.91 -3.69 10.41
CA ASP A 104 13.82 -3.12 9.08
C ASP A 104 13.77 -4.15 7.96
N THR A 105 13.94 -5.44 8.28
CA THR A 105 13.86 -6.48 7.29
C THR A 105 12.46 -6.50 6.70
N ALA A 106 12.36 -6.49 5.37
CA ALA A 106 11.05 -6.40 4.69
C ALA A 106 11.31 -6.38 3.19
N VAL A 107 10.25 -6.58 2.43
CA VAL A 107 10.23 -6.24 1.01
C VAL A 107 9.89 -4.75 0.93
N TYR A 108 10.69 -3.99 0.19
CA TYR A 108 10.50 -2.56 0.00
C TYR A 108 9.97 -2.30 -1.39
N TYR A 109 8.84 -1.58 -1.45
CA TYR A 109 8.17 -1.19 -2.68
C TYR A 109 8.28 0.30 -2.93
N CYS A 110 8.52 0.64 -4.19
CA CYS A 110 8.36 1.95 -4.80
CA CYS A 110 8.23 2.02 -4.51
C CYS A 110 6.87 2.12 -5.18
N VAL A 111 6.24 3.25 -4.83
CA VAL A 111 4.82 3.41 -5.09
C VAL A 111 4.57 4.82 -5.61
N VAL A 112 3.72 4.93 -6.62
CA VAL A 112 3.20 6.21 -7.08
C VAL A 112 1.87 6.47 -6.40
N SER A 113 1.72 7.64 -5.81
CA SER A 113 0.45 7.99 -5.19
C SER A 113 -0.29 9.01 -6.04
N ASP A 114 -1.62 8.90 -6.06
CA ASP A 114 -2.46 10.02 -6.46
C ASP A 114 -2.15 11.20 -5.52
N ASN A 115 -2.37 12.44 -6.00
CA ASN A 115 -2.09 13.59 -5.12
C ASN A 115 -2.92 13.59 -3.82
N SER A 116 -4.05 12.86 -3.79
CA SER A 116 -4.83 12.73 -2.57
C SER A 116 -4.19 11.79 -1.57
N GLY A 117 -3.41 10.82 -2.06
CA GLY A 117 -2.63 10.02 -1.14
C GLY A 117 -2.77 8.54 -1.42
N TYR A 118 -3.80 8.08 -2.16
CA TYR A 118 -3.94 6.65 -2.35
C TYR A 118 -2.86 6.13 -3.30
N TYR A 119 -2.54 4.84 -3.22
CA TYR A 119 -1.40 4.28 -3.93
C TYR A 119 -1.87 3.65 -5.23
N LYS A 120 -1.55 4.29 -6.33
CA LYS A 120 -2.02 3.87 -7.63
C LYS A 120 -1.22 2.75 -8.26
N TYR A 121 0.10 2.79 -8.15
CA TYR A 121 0.96 1.81 -8.79
C TYR A 121 2.08 1.43 -7.84
N TRP A 122 2.37 0.13 -7.77
CA TRP A 122 3.39 -0.45 -6.94
C TRP A 122 4.38 -1.20 -7.79
N GLY A 123 5.68 -1.13 -7.46
CA GLY A 123 6.67 -1.98 -8.09
C GLY A 123 6.62 -3.41 -7.60
N GLN A 124 7.57 -4.22 -8.09
CA GLN A 124 7.62 -5.62 -7.71
C GLN A 124 8.24 -5.88 -6.34
N GLY A 125 8.96 -4.90 -5.81
CA GLY A 125 9.56 -4.99 -4.50
C GLY A 125 10.99 -5.51 -4.53
N THR A 126 11.78 -5.13 -3.53
CA THR A 126 13.14 -5.63 -3.34
C THR A 126 13.31 -6.03 -1.89
N GLN A 127 13.81 -7.25 -1.65
CA GLN A 127 13.96 -7.74 -0.29
C GLN A 127 15.20 -7.14 0.36
N VAL A 128 15.02 -6.61 1.58
CA VAL A 128 16.10 -6.17 2.44
C VAL A 128 16.18 -7.14 3.61
N THR A 129 17.39 -7.62 3.91
CA THR A 129 17.58 -8.56 5.02
C THR A 129 18.58 -7.95 5.99
N VAL A 130 18.21 -7.66 7.22
CA VAL A 130 19.11 -7.08 8.20
C VAL A 130 19.34 -8.11 9.27
N SER A 131 20.56 -8.63 9.37
CA SER A 131 20.82 -9.72 10.30
C SER A 131 22.30 -9.81 10.61
N SER A 132 22.56 -10.18 11.86
CA SER A 132 23.87 -10.57 12.37
C SER A 132 24.13 -12.01 11.87
N ASP B 1 -1.94 8.47 16.04
CA ASP B 1 -1.91 7.78 14.70
C ASP B 1 -3.29 7.15 14.50
N ILE B 2 -3.76 7.06 13.24
CA ILE B 2 -4.99 6.32 12.98
C ILE B 2 -4.65 4.84 12.87
N VAL B 3 -5.37 4.02 13.59
CA VAL B 3 -5.16 2.58 13.58
C VAL B 3 -6.29 1.96 12.75
N MET B 4 -5.92 1.04 11.85
CA MET B 4 -6.85 0.32 10.99
C MET B 4 -6.96 -1.14 11.43
N THR B 5 -8.16 -1.60 11.68
CA THR B 5 -8.42 -2.95 12.17
CA THR B 5 -8.33 -2.98 12.09
C THR B 5 -9.33 -3.69 11.21
N GLN B 6 -8.89 -4.80 10.67
CA GLN B 6 -9.65 -5.61 9.74
C GLN B 6 -10.22 -6.83 10.42
N SER B 7 -11.36 -7.31 9.91
CA SER B 7 -11.93 -8.57 10.37
C SER B 7 -12.66 -9.19 9.20
N PRO B 8 -12.81 -10.53 9.16
CA PRO B 8 -12.07 -11.46 10.01
C PRO B 8 -10.60 -11.51 9.59
N ASP B 9 -9.77 -12.25 10.33
CA ASP B 9 -8.38 -12.40 9.91
CA ASP B 9 -8.37 -12.50 9.97
C ASP B 9 -8.28 -13.28 8.67
N SER B 10 -9.18 -14.26 8.54
CA SER B 10 -9.23 -15.12 7.37
CA SER B 10 -9.21 -15.17 7.41
C SER B 10 -10.66 -15.58 7.18
N LEU B 11 -10.98 -15.90 5.95
CA LEU B 11 -12.30 -16.35 5.56
C LEU B 11 -12.12 -17.33 4.41
N ALA B 12 -12.70 -18.53 4.55
CA ALA B 12 -12.66 -19.51 3.51
C ALA B 12 -14.00 -19.52 2.78
N VAL B 13 -13.98 -19.36 1.47
CA VAL B 13 -15.12 -19.18 0.64
C VAL B 13 -15.04 -20.11 -0.57
N SER B 14 -16.14 -20.69 -1.00
CA SER B 14 -16.15 -21.50 -2.20
C SER B 14 -16.43 -20.65 -3.44
N LEU B 15 -16.08 -21.19 -4.60
CA LEU B 15 -16.33 -20.49 -5.85
C LEU B 15 -17.78 -20.04 -5.95
N GLY B 16 -17.95 -18.79 -6.37
CA GLY B 16 -19.26 -18.23 -6.64
C GLY B 16 -19.97 -17.66 -5.41
N GLU B 17 -19.45 -17.89 -4.22
CA GLU B 17 -20.04 -17.32 -3.02
CA GLU B 17 -20.07 -17.30 -3.04
C GLU B 17 -19.81 -15.80 -2.96
N ARG B 18 -20.75 -15.13 -2.26
CA ARG B 18 -20.55 -13.77 -1.78
CA ARG B 18 -20.51 -13.77 -1.81
C ARG B 18 -19.59 -13.77 -0.59
N ALA B 19 -18.67 -12.82 -0.54
CA ALA B 19 -17.70 -12.68 0.55
C ALA B 19 -17.68 -11.21 0.97
N THR B 20 -17.72 -10.96 2.26
CA THR B 20 -17.66 -9.62 2.83
CA THR B 20 -17.63 -9.59 2.76
C THR B 20 -16.54 -9.54 3.84
N ILE B 21 -15.76 -8.47 3.78
CA ILE B 21 -14.72 -8.24 4.75
C ILE B 21 -14.78 -6.81 5.24
N ASN B 22 -14.30 -6.58 6.45
CA ASN B 22 -14.57 -5.36 7.18
C ASN B 22 -13.28 -4.66 7.56
N CYS B 23 -13.36 -3.34 7.72
CA CYS B 23 -12.24 -2.51 8.13
C CYS B 23 -12.77 -1.35 8.98
N LYS B 24 -12.17 -1.13 10.14
CA LYS B 24 -12.52 -0.02 10.97
CA LYS B 24 -12.53 -0.05 11.01
C LYS B 24 -11.30 0.84 11.19
N SER B 25 -11.48 2.15 11.06
CA SER B 25 -10.44 3.11 11.42
C SER B 25 -10.72 3.64 12.83
N SER B 26 -9.67 4.00 13.55
CA SER B 26 -9.83 4.46 14.94
C SER B 26 -10.34 5.88 15.04
N GLN B 27 -10.22 6.65 13.97
CA GLN B 27 -10.76 8.01 13.84
C GLN B 27 -11.46 8.05 12.50
N SER B 28 -12.40 8.98 12.33
CA SER B 28 -13.07 9.15 11.07
C SER B 28 -12.07 9.59 10.00
N VAL B 29 -12.26 9.07 8.79
CA VAL B 29 -11.48 9.46 7.64
C VAL B 29 -12.31 10.24 6.60
N LEU B 30 -13.46 10.77 7.03
CA LEU B 30 -14.33 11.58 6.18
C LEU B 30 -13.84 13.03 6.23
N TYR B 31 -13.45 13.56 5.07
CA TYR B 31 -12.98 14.95 5.02
C TYR B 31 -14.14 15.87 4.72
N SER B 32 -14.38 16.83 5.60
CA SER B 32 -15.52 17.69 5.45
C SER B 32 -15.41 18.56 4.20
N SER B 33 -14.21 18.89 3.74
CA SER B 33 -14.05 19.85 2.65
C SER B 33 -14.60 19.28 1.33
N ASN B 34 -14.55 17.95 1.13
CA ASN B 34 -15.01 17.36 -0.11
C ASN B 34 -15.99 16.20 0.10
N ASN B 35 -16.37 15.92 1.33
CA ASN B 35 -17.28 14.83 1.62
C ASN B 35 -16.80 13.50 1.07
N ARG B 36 -15.48 13.25 1.14
CA ARG B 36 -14.97 11.96 0.70
CA ARG B 36 -14.90 12.00 0.69
C ARG B 36 -14.24 11.29 1.87
N ASN B 37 -14.40 9.96 1.93
CA ASN B 37 -13.65 9.12 2.83
C ASN B 37 -12.31 8.74 2.24
N TYR B 38 -11.24 9.01 2.95
CA TYR B 38 -9.88 8.78 2.49
C TYR B 38 -9.46 7.36 2.85
N LEU B 39 -10.13 6.41 2.17
CA LEU B 39 -10.06 4.97 2.49
C LEU B 39 -9.89 4.23 1.17
N ALA B 40 -8.85 3.38 1.10
CA ALA B 40 -8.61 2.55 -0.08
C ALA B 40 -8.54 1.07 0.34
N TRP B 41 -8.81 0.22 -0.65
CA TRP B 41 -8.64 -1.23 -0.54
C TRP B 41 -7.67 -1.71 -1.61
N TYR B 42 -6.82 -2.66 -1.21
CA TYR B 42 -5.87 -3.31 -2.10
C TYR B 42 -6.04 -4.82 -2.02
N GLN B 43 -5.71 -5.47 -3.14
CA GLN B 43 -5.64 -6.94 -3.27
C GLN B 43 -4.19 -7.33 -3.44
N GLN B 44 -3.74 -8.34 -2.70
CA GLN B 44 -2.40 -8.87 -2.85
C GLN B 44 -2.49 -10.36 -3.14
N LYS B 45 -2.32 -10.71 -4.39
CA LYS B 45 -2.25 -12.12 -4.82
C LYS B 45 -0.89 -12.66 -4.43
N LEU B 46 -0.80 -14.00 -4.32
CA LEU B 46 0.38 -14.63 -3.77
C LEU B 46 1.60 -14.28 -4.60
N GLY B 47 2.65 -13.81 -3.92
CA GLY B 47 3.91 -13.50 -4.55
C GLY B 47 3.88 -12.24 -5.40
N GLN B 48 2.83 -11.40 -5.28
CA GLN B 48 2.71 -10.18 -6.07
C GLN B 48 2.65 -8.98 -5.14
N PRO B 49 2.87 -7.77 -5.67
CA PRO B 49 2.63 -6.58 -4.84
CA PRO B 49 2.64 -6.50 -4.99
C PRO B 49 1.15 -6.35 -4.67
N PRO B 50 0.76 -5.55 -3.67
CA PRO B 50 -0.64 -5.11 -3.61
C PRO B 50 -1.03 -4.35 -4.87
N LYS B 51 -2.33 -4.39 -5.17
CA LYS B 51 -2.96 -3.73 -6.30
C LYS B 51 -4.18 -2.97 -5.84
N LEU B 52 -4.32 -1.73 -6.25
CA LEU B 52 -5.46 -0.90 -5.88
C LEU B 52 -6.76 -1.44 -6.45
N LEU B 53 -7.76 -1.61 -5.59
CA LEU B 53 -9.10 -1.99 -5.99
C LEU B 53 -10.10 -0.86 -5.94
N ILE B 54 -10.12 -0.13 -4.80
CA ILE B 54 -11.16 0.84 -4.44
C ILE B 54 -10.50 2.03 -3.78
N TYR B 55 -10.96 3.23 -4.10
CA TYR B 55 -10.54 4.43 -3.38
C TYR B 55 -11.79 5.26 -3.10
N TRP B 56 -11.64 6.29 -2.25
CA TRP B 56 -12.78 7.05 -1.73
CA TRP B 56 -12.81 7.03 -1.78
C TRP B 56 -13.84 6.11 -1.14
N ALA B 57 -13.42 5.02 -0.51
CA ALA B 57 -14.28 4.00 0.07
C ALA B 57 -15.13 3.18 -0.91
N SER B 58 -15.60 3.78 -1.99
CA SER B 58 -16.59 3.12 -2.85
C SER B 58 -16.32 3.28 -4.36
N THR B 59 -15.29 3.97 -4.77
CA THR B 59 -15.01 4.12 -6.19
C THR B 59 -14.07 3.02 -6.65
N ARG B 60 -14.49 2.23 -7.62
CA ARG B 60 -13.69 1.19 -8.19
CA ARG B 60 -13.66 1.18 -8.19
C ARG B 60 -12.61 1.77 -9.10
N GLU B 61 -11.38 1.29 -8.94
CA GLU B 61 -10.30 1.65 -9.86
C GLU B 61 -10.56 1.00 -11.23
N SER B 62 -9.99 1.66 -12.23
CA SER B 62 -10.05 1.09 -13.56
CA SER B 62 -9.89 1.13 -13.59
C SER B 62 -9.37 -0.28 -13.57
N GLY B 63 -9.94 -1.20 -14.38
CA GLY B 63 -9.40 -2.54 -14.44
C GLY B 63 -9.90 -3.48 -13.38
N VAL B 64 -10.81 -3.07 -12.52
CA VAL B 64 -11.37 -3.85 -11.43
C VAL B 64 -12.78 -4.25 -11.83
N PRO B 65 -13.11 -5.57 -11.81
CA PRO B 65 -14.45 -6.01 -12.17
C PRO B 65 -15.56 -5.59 -11.21
N ASP B 66 -16.81 -5.55 -11.72
CA ASP B 66 -17.97 -5.04 -11.00
CA ASP B 66 -17.91 -4.99 -10.96
C ASP B 66 -18.33 -5.91 -9.82
N ARG B 67 -17.80 -7.17 -9.75
CA ARG B 67 -18.11 -8.00 -8.57
C ARG B 67 -17.47 -7.46 -7.30
N PHE B 68 -16.48 -6.58 -7.41
CA PHE B 68 -15.89 -5.92 -6.24
C PHE B 68 -16.67 -4.64 -5.95
N SER B 69 -17.00 -4.38 -4.68
CA SER B 69 -17.60 -3.12 -4.30
C SER B 69 -17.16 -2.75 -2.89
N GLY B 70 -17.04 -1.47 -2.67
CA GLY B 70 -16.74 -0.95 -1.34
C GLY B 70 -17.87 -0.09 -0.84
N SER B 71 -18.07 -0.11 0.48
CA SER B 71 -19.05 0.74 1.10
CA SER B 71 -19.13 0.60 1.18
C SER B 71 -18.59 1.18 2.48
N GLY B 72 -19.33 2.12 3.05
CA GLY B 72 -19.14 2.66 4.37
C GLY B 72 -18.69 4.09 4.40
N SER B 73 -18.65 4.63 5.60
CA SER B 73 -18.27 6.02 5.82
CA SER B 73 -18.28 6.02 5.82
C SER B 73 -17.78 6.21 7.24
N GLY B 74 -16.94 7.24 7.42
CA GLY B 74 -16.52 7.61 8.76
C GLY B 74 -15.40 6.72 9.22
N THR B 75 -15.76 5.67 9.97
CA THR B 75 -14.82 4.68 10.46
C THR B 75 -15.09 3.27 9.96
N ASP B 76 -16.30 2.98 9.44
CA ASP B 76 -16.73 1.59 9.27
C ASP B 76 -16.87 1.29 7.80
N PHE B 77 -16.05 0.39 7.27
CA PHE B 77 -15.93 0.12 5.85
C PHE B 77 -16.02 -1.36 5.57
N THR B 78 -16.57 -1.70 4.40
CA THR B 78 -16.71 -3.06 3.93
CA THR B 78 -16.64 -3.09 3.94
C THR B 78 -16.25 -3.19 2.48
N LEU B 79 -15.62 -4.30 2.16
CA LEU B 79 -15.34 -4.75 0.79
C LEU B 79 -16.16 -6.00 0.55
N THR B 80 -16.89 -6.05 -0.56
CA THR B 80 -17.70 -7.20 -0.92
C THR B 80 -17.25 -7.71 -2.28
N ILE B 81 -17.15 -9.03 -2.38
CA ILE B 81 -17.02 -9.73 -3.64
C ILE B 81 -18.33 -10.48 -3.84
N SER B 82 -19.07 -10.16 -4.89
CA SER B 82 -20.42 -10.72 -5.04
C SER B 82 -20.42 -12.18 -5.48
N SER B 83 -19.34 -12.64 -6.12
CA SER B 83 -19.26 -13.98 -6.68
C SER B 83 -17.81 -14.38 -6.78
N LEU B 84 -17.28 -15.11 -5.80
CA LEU B 84 -15.85 -15.34 -5.75
C LEU B 84 -15.37 -16.14 -6.96
N GLN B 85 -14.34 -15.62 -7.62
CA GLN B 85 -13.64 -16.35 -8.65
C GLN B 85 -12.34 -16.90 -8.09
N ALA B 86 -11.78 -17.93 -8.74
CA ALA B 86 -10.55 -18.52 -8.24
C ALA B 86 -9.45 -17.47 -8.12
N GLU B 87 -9.38 -16.56 -9.08
CA GLU B 87 -8.33 -15.56 -9.08
C GLU B 87 -8.45 -14.55 -7.95
N ASP B 88 -9.59 -14.54 -7.22
CA ASP B 88 -9.81 -13.58 -6.15
C ASP B 88 -9.22 -14.05 -4.83
N VAL B 89 -8.70 -15.27 -4.78
CA VAL B 89 -8.01 -15.72 -3.58
C VAL B 89 -6.74 -14.88 -3.39
N ALA B 90 -6.64 -14.22 -2.25
CA ALA B 90 -5.66 -13.16 -2.04
C ALA B 90 -5.76 -12.68 -0.61
N VAL B 91 -4.83 -11.83 -0.21
CA VAL B 91 -4.93 -11.05 1.02
C VAL B 91 -5.39 -9.66 0.64
N TYR B 92 -6.37 -9.15 1.38
CA TYR B 92 -6.95 -7.83 1.11
C TYR B 92 -6.61 -6.91 2.27
N TYR B 93 -6.19 -5.68 1.94
CA TYR B 93 -5.82 -4.68 2.92
C TYR B 93 -6.64 -3.42 2.75
N CYS B 94 -7.03 -2.78 3.87
CA CYS B 94 -7.50 -1.43 3.84
C CYS B 94 -6.39 -0.47 4.25
N HIS B 95 -6.59 0.81 3.89
CA HIS B 95 -5.58 1.85 3.95
C HIS B 95 -6.26 3.18 4.17
N GLN B 96 -5.88 3.92 5.20
CA GLN B 96 -6.30 5.31 5.29
C GLN B 96 -5.18 6.21 4.81
N TYR B 97 -5.58 7.17 3.98
CA TYR B 97 -4.71 8.17 3.43
C TYR B 97 -5.21 9.56 3.79
N TYR B 98 -5.92 9.66 4.92
CA TYR B 98 -6.41 10.93 5.42
C TYR B 98 -5.30 11.77 5.98
N SER B 99 -4.43 11.16 6.77
CA SER B 99 -3.40 11.93 7.42
C SER B 99 -2.13 11.10 7.60
N HIS B 100 -0.98 11.75 7.69
CA HIS B 100 0.28 11.08 7.94
C HIS B 100 0.38 10.73 9.44
N PRO B 101 0.93 9.53 9.82
CA PRO B 101 1.36 8.54 8.86
C PRO B 101 0.17 7.85 8.25
N GLN B 102 0.22 7.60 6.94
CA GLN B 102 -0.78 6.76 6.31
CA GLN B 102 -0.77 6.76 6.33
C GLN B 102 -0.60 5.36 6.92
N THR B 103 -1.71 4.65 7.14
CA THR B 103 -1.68 3.37 7.84
C THR B 103 -2.60 2.36 7.16
N PHE B 104 -2.21 1.09 7.36
CA PHE B 104 -2.85 -0.07 6.78
C PHE B 104 -3.38 -0.98 7.87
N GLY B 105 -4.43 -1.74 7.53
CA GLY B 105 -4.83 -2.88 8.33
C GLY B 105 -3.83 -4.03 8.19
N GLN B 106 -4.08 -5.08 8.98
CA GLN B 106 -3.21 -6.23 8.98
C GLN B 106 -3.65 -7.30 8.00
N GLY B 107 -4.73 -7.03 7.27
CA GLY B 107 -5.14 -7.91 6.19
C GLY B 107 -6.21 -8.91 6.57
N THR B 108 -6.96 -9.32 5.55
CA THR B 108 -7.85 -10.47 5.65
C THR B 108 -7.45 -11.42 4.53
N LYS B 109 -7.15 -12.67 4.89
CA LYS B 109 -6.82 -13.70 3.92
C LYS B 109 -8.11 -14.32 3.43
N LEU B 110 -8.40 -14.20 2.16
CA LEU B 110 -9.53 -14.88 1.55
CA LEU B 110 -9.53 -14.85 1.52
C LEU B 110 -9.01 -16.14 0.91
N GLU B 111 -9.39 -17.27 1.49
CA GLU B 111 -8.93 -18.59 1.11
CA GLU B 111 -8.94 -18.64 1.20
C GLU B 111 -10.01 -19.34 0.37
N LEU B 112 -9.60 -20.25 -0.51
CA LEU B 112 -10.55 -21.10 -1.22
C LEU B 112 -10.94 -22.27 -0.36
N LYS B 113 -12.25 -22.44 -0.19
N LYS B 113 -12.26 -22.50 -0.25
CA LYS B 113 -12.84 -23.59 0.49
CA LYS B 113 -12.79 -23.60 0.54
C LYS B 113 -13.38 -24.56 -0.55
C LYS B 113 -12.65 -24.91 -0.23
N ARG B 114 -13.04 -25.84 -0.39
N ARG B 114 -12.36 -25.99 0.51
CA ARG B 114 -13.52 -26.86 -1.31
CA ARG B 114 -12.36 -27.34 -0.04
C ARG B 114 -15.03 -27.08 -1.13
C ARG B 114 -13.77 -27.92 -0.15
C1 EDO C . 3.46 -11.71 2.57
O1 EDO C . 3.85 -12.77 3.45
C2 EDO C . 3.28 -10.43 3.33
O2 EDO C . 2.16 -10.35 4.30
H11 EDO C . 2.62 -11.95 2.14
H12 EDO C . 4.15 -11.59 1.88
HO1 EDO C . 3.89 -13.49 2.99
H21 EDO C . 3.14 -9.72 2.66
H22 EDO C . 4.12 -10.23 3.79
HO2 EDO C . 1.77 -11.10 4.34
C1 EDO D . -7.32 14.89 3.77
O1 EDO D . -5.99 14.37 3.63
C2 EDO D . -7.31 15.60 5.04
O2 EDO D . -6.53 16.81 5.04
H11 EDO D . -7.98 14.18 3.78
H12 EDO D . -7.52 15.53 3.04
HO1 EDO D . -5.94 13.96 2.87
H21 EDO D . -6.96 15.00 5.73
H22 EDO D . -8.23 15.82 5.28
HO2 EDO D . -6.03 16.82 4.37
C1 EDO E . -18.33 10.14 -1.58
O1 EDO E . -18.20 10.22 -0.22
C2 EDO E . -17.44 9.17 -2.28
O2 EDO E . -16.36 9.69 -2.98
H11 EDO E . -18.16 11.03 -1.95
H12 EDO E . -19.26 9.91 -1.79
HO1 EDO E . -18.74 10.80 0.09
H21 EDO E . -18.00 8.68 -2.93
H22 EDO E . -17.11 8.52 -1.63
HO2 EDO E . -15.65 9.52 -2.53
C1 EDO F . -9.92 -8.47 -10.24
O1 EDO F . -9.25 -7.48 -9.45
C2 EDO F . -9.47 -9.91 -10.02
O2 EDO F . -9.26 -10.48 -8.79
H11 EDO F . -9.81 -8.25 -11.18
H12 EDO F . -10.88 -8.41 -10.04
HO1 EDO F . -9.54 -6.75 -9.68
H21 EDO F . -8.65 -10.02 -10.52
H22 EDO F . -10.14 -10.47 -10.46
HO2 EDO F . -10.00 -10.60 -8.39
C1 EDO G . -20.53 0.40 -3.60
O1 EDO G . -20.89 0.37 -4.95
C2 EDO G . -20.90 1.62 -2.96
O2 EDO G . -21.19 1.54 -1.61
H11 EDO G . -19.58 0.26 -3.51
H12 EDO G . -20.99 -0.35 -3.14
HO1 EDO G . -20.68 -0.31 -5.34
H21 EDO G . -21.68 1.99 -3.42
H22 EDO G . -20.17 2.25 -3.08
HO2 EDO G . -21.74 0.89 -1.49
C1 EDO H . -15.16 3.75 16.01
C1 EDO H . -15.12 3.76 16.13
O1 EDO H . -15.80 2.56 16.46
O1 EDO H . -15.69 2.45 16.38
C2 EDO H . -13.67 3.70 16.01
C2 EDO H . -13.64 3.83 15.92
O2 EDO H . -13.22 2.68 15.17
O2 EDO H . -12.94 3.00 16.81
H11 EDO H . -15.45 4.50 16.56
H11 EDO H . -15.36 4.34 16.88
H12 EDO H . -15.47 3.94 15.09
H12 EDO H . -15.57 4.13 15.33
HO1 EDO H . -16.64 2.69 16.42
HO1 EDO H . -16.52 2.52 16.49
H21 EDO H . -13.35 3.53 16.93
H21 EDO H . -13.35 4.76 16.06
H22 EDO H . -13.31 4.56 15.70
H22 EDO H . -13.43 3.58 15.01
HO2 EDO H . -13.23 2.95 14.37
HO2 EDO H . -13.33 2.99 17.55
C1 EDO I . -6.79 -18.87 -10.70
O1 EDO I . -6.47 -18.91 -12.07
C2 EDO I . -5.61 -18.55 -9.92
O2 EDO I . -5.17 -17.23 -10.21
H11 EDO I . -7.15 -19.73 -10.41
H12 EDO I . -7.48 -18.17 -10.54
HO1 EDO I . -7.24 -19.08 -12.49
H21 EDO I . -4.90 -19.19 -10.13
H22 EDO I . -5.81 -18.63 -8.97
HO2 EDO I . -5.09 -17.14 -11.08
#